data_4IVI
#
_entry.id   4IVI
#
_cell.length_a   149.065
_cell.length_b   149.065
_cell.length_c   171.131
_cell.angle_alpha   90.00
_cell.angle_beta   90.00
_cell.angle_gamma   90.00
#
_symmetry.space_group_name_H-M   'I 4 2 2'
#
loop_
_entity.id
_entity.type
_entity.pdbx_description
1 polymer Carboxylesterase
2 non-polymer 'SULFATE ION'
3 water water
#
_entity_poly.entity_id   1
_entity_poly.type   'polypeptide(L)'
_entity_poly.pdbx_seq_one_letter_code
;(MSE)KTSAKFLSFAVSFVLLIIASTSFAEGPVTATKPKEAGFTSEGLARIDAYLKNEIQAKT(MSE)PGAV(MSE)
(MSE)IKRNGETAYFSSFGLRDPDTKEP(MSE)TAETIFRIYS(MSE)SKPITTVAA(MSE)(MSE)LVEEGKLQLDEPV
SKYIPSFANVKVGVETKGENG(MSE)ALETGPVKRAITIQDL(MSE)RHTSGITYGFVGDGLVKKAYIASNLFDGDFDNA
EFAERIAKLPLVYQPGTTWDYGHSTDILGRVVEVVSGKSLYQFEKERLLDPLG(MSE)KDTGFYVTDPAKKSLVAEA
(MSE)PNDRKIGGSE(MSE)FDPRVQKKWEPGGQG(MSE)VSTIGDYARFTQ(MSE)VLNGGTLDGKRYLSPKTIAY
(MSE)GSNHIPQASGIVPGAYYLPGPGVGFGLGFAVRTEAGVTPVEGSVGDLSWGGAGGTVFWIDPKENLTVVF(MSE)A
P(MSE)VSPRARVWRTLRNIVYGAFDRLEHHHHHH
;
_entity_poly.pdbx_strand_id   A
#
# COMPACT_ATOMS: atom_id res chain seq x y z
N ALA A 25 -4.80 1.21 26.68
CA ALA A 25 -3.41 1.24 27.22
C ALA A 25 -2.83 -0.17 27.33
N GLU A 26 -1.52 -0.24 27.60
CA GLU A 26 -0.79 -1.50 27.74
C GLU A 26 0.70 -1.20 27.92
N GLY A 27 1.37 -0.82 26.83
CA GLY A 27 2.79 -0.51 26.93
C GLY A 27 3.75 -1.20 25.98
N PRO A 28 5.06 -1.06 26.23
CA PRO A 28 6.16 -1.64 25.45
C PRO A 28 6.05 -3.15 25.25
N VAL A 29 6.38 -3.59 24.04
CA VAL A 29 6.35 -5.00 23.69
C VAL A 29 7.70 -5.64 23.96
N THR A 30 8.76 -4.87 23.71
CA THR A 30 10.12 -5.34 23.93
C THR A 30 10.96 -4.21 24.53
N ALA A 31 12.23 -4.50 24.80
CA ALA A 31 13.13 -3.49 25.35
C ALA A 31 13.46 -2.53 24.21
N THR A 32 13.71 -1.26 24.55
CA THR A 32 14.03 -0.27 23.54
C THR A 32 15.28 0.54 23.88
N LYS A 33 15.90 1.11 22.86
CA LYS A 33 17.09 1.93 23.02
C LYS A 33 16.85 3.24 22.28
N PRO A 34 15.97 4.09 22.81
CA PRO A 34 15.62 5.38 22.21
C PRO A 34 16.79 6.34 21.97
N LYS A 35 17.64 6.52 22.98
CA LYS A 35 18.77 7.43 22.85
C LYS A 35 19.72 7.02 21.71
N GLU A 36 20.02 5.74 21.61
CA GLU A 36 20.89 5.26 20.54
C GLU A 36 20.17 5.40 19.21
N ALA A 37 18.85 5.37 19.24
CA ALA A 37 18.05 5.50 18.04
C ALA A 37 17.90 6.97 17.63
N GLY A 38 18.40 7.87 18.48
CA GLY A 38 18.33 9.30 18.18
C GLY A 38 17.06 10.01 18.58
N PHE A 39 16.35 9.47 19.56
CA PHE A 39 15.09 10.05 20.05
C PHE A 39 15.25 10.45 21.51
N THR A 40 14.28 11.20 22.04
CA THR A 40 14.29 11.57 23.45
C THR A 40 13.15 10.75 24.04
N SER A 41 13.25 10.40 25.32
CA SER A 41 12.20 9.62 25.97
C SER A 41 10.95 10.48 26.09
N GLU A 42 11.15 11.78 26.34
CA GLU A 42 10.04 12.71 26.48
C GLU A 42 9.26 12.79 25.16
N GLY A 43 9.99 12.85 24.05
CA GLY A 43 9.34 12.91 22.75
C GLY A 43 8.50 11.67 22.47
N LEU A 44 9.08 10.50 22.67
CA LEU A 44 8.36 9.26 22.42
C LEU A 44 7.14 9.09 23.32
N ALA A 45 7.21 9.65 24.53
CA ALA A 45 6.10 9.56 25.46
C ALA A 45 4.88 10.26 24.86
N ARG A 46 5.14 11.19 23.95
CA ARG A 46 4.05 11.91 23.29
C ARG A 46 3.22 10.95 22.45
N ILE A 47 3.85 9.88 21.97
CA ILE A 47 3.12 8.88 21.18
C ILE A 47 2.15 8.14 22.10
N ASP A 48 2.63 7.74 23.27
CA ASP A 48 1.80 7.03 24.23
C ASP A 48 0.54 7.84 24.54
N ALA A 49 0.74 9.11 24.88
CA ALA A 49 -0.37 9.99 25.22
C ALA A 49 -1.35 10.16 24.06
N TYR A 50 -0.82 10.34 22.85
CA TYR A 50 -1.66 10.53 21.68
C TYR A 50 -2.53 9.31 21.41
N LEU A 51 -1.91 8.14 21.31
CA LEU A 51 -2.62 6.90 21.05
C LEU A 51 -3.68 6.58 22.10
N LYS A 52 -3.33 6.75 23.37
CA LYS A 52 -4.29 6.46 24.44
C LYS A 52 -5.47 7.41 24.34
N ASN A 53 -5.21 8.66 24.00
CA ASN A 53 -6.28 9.64 23.87
C ASN A 53 -7.19 9.31 22.69
N GLU A 54 -6.59 8.88 21.57
CA GLU A 54 -7.39 8.53 20.39
C GLU A 54 -8.25 7.30 20.68
N ILE A 55 -7.70 6.35 21.42
CA ILE A 55 -8.44 5.14 21.78
C ILE A 55 -9.61 5.52 22.69
N GLN A 56 -9.37 6.44 23.62
CA GLN A 56 -10.42 6.89 24.53
C GLN A 56 -11.51 7.63 23.74
N ALA A 57 -11.10 8.29 22.66
CA ALA A 57 -12.04 9.02 21.82
C ALA A 57 -12.74 8.08 20.85
N LYS A 58 -12.37 6.80 20.91
CA LYS A 58 -12.97 5.77 20.05
C LYS A 58 -12.63 5.93 18.57
N THR A 59 -11.44 6.45 18.28
CA THR A 59 -11.00 6.62 16.91
C THR A 59 -10.58 5.25 16.38
N PRO A 61 -9.98 0.90 18.22
CA PRO A 61 -10.10 0.11 19.44
C PRO A 61 -8.76 -0.08 20.12
N GLY A 62 -7.69 0.00 19.32
CA GLY A 62 -6.36 -0.18 19.84
C GLY A 62 -5.34 0.02 18.73
N ALA A 63 -4.06 -0.07 19.05
CA ALA A 63 -3.03 0.12 18.06
C ALA A 63 -1.69 -0.46 18.47
N VAL A 64 -0.88 -0.78 17.47
CA VAL A 64 0.46 -1.30 17.72
C VAL A 64 1.37 -0.49 16.80
N ILE A 67 9.01 1.62 15.85
CA ILE A 67 9.91 2.60 15.29
C ILE A 67 11.31 2.06 15.45
N LYS A 68 12.05 2.01 14.34
CA LYS A 68 13.41 1.51 14.37
C LYS A 68 14.31 2.52 13.65
N ARG A 69 15.43 2.84 14.29
CA ARG A 69 16.36 3.80 13.70
C ARG A 69 17.79 3.46 14.12
N ASN A 70 18.72 3.62 13.19
CA ASN A 70 20.13 3.31 13.43
C ASN A 70 20.28 1.86 13.85
N GLY A 71 19.43 0.99 13.28
CA GLY A 71 19.48 -0.42 13.61
C GLY A 71 19.03 -0.77 15.02
N GLU A 72 18.34 0.16 15.69
CA GLU A 72 17.85 -0.08 17.04
C GLU A 72 16.34 0.14 17.13
N THR A 73 15.69 -0.63 17.99
CA THR A 73 14.24 -0.47 18.18
C THR A 73 14.07 0.70 19.14
N ALA A 74 13.57 1.81 18.61
CA ALA A 74 13.38 3.00 19.43
C ALA A 74 12.06 2.96 20.19
N TYR A 75 11.08 2.27 19.60
CA TYR A 75 9.76 2.22 20.18
C TYR A 75 9.01 1.01 19.65
N PHE A 76 8.28 0.34 20.52
CA PHE A 76 7.49 -0.82 20.12
C PHE A 76 6.47 -1.08 21.21
N SER A 77 5.29 -0.49 21.04
CA SER A 77 4.23 -0.63 22.02
C SER A 77 2.88 -0.94 21.40
N SER A 78 2.00 -1.51 22.22
CA SER A 78 0.65 -1.85 21.77
C SER A 78 -0.29 -1.30 22.85
N PHE A 79 -1.46 -0.84 22.43
CA PHE A 79 -2.44 -0.28 23.36
C PHE A 79 -3.85 -0.73 22.98
N GLY A 80 -4.70 -0.85 23.99
CA GLY A 80 -6.09 -1.21 23.75
C GLY A 80 -6.46 -2.59 23.29
N LEU A 81 -7.52 -2.63 22.47
CA LEU A 81 -8.08 -3.87 21.95
C LEU A 81 -7.89 -4.04 20.44
N ARG A 82 -7.90 -5.30 20.00
CA ARG A 82 -7.77 -5.58 18.57
C ARG A 82 -9.17 -5.76 17.99
N ASP A 83 -10.17 -5.85 18.88
CA ASP A 83 -11.56 -6.03 18.48
C ASP A 83 -12.45 -5.46 19.59
N PRO A 84 -13.23 -4.41 19.27
CA PRO A 84 -14.12 -3.78 20.26
C PRO A 84 -15.31 -4.64 20.70
N ASP A 85 -15.68 -5.63 19.90
CA ASP A 85 -16.81 -6.49 20.25
C ASP A 85 -16.40 -7.65 21.16
N THR A 86 -15.29 -8.31 20.83
CA THR A 86 -14.82 -9.45 21.63
C THR A 86 -14.00 -9.00 22.84
N LYS A 87 -13.50 -7.77 22.78
CA LYS A 87 -12.68 -7.21 23.85
C LYS A 87 -11.33 -7.91 23.95
N GLU A 88 -10.92 -8.57 22.89
CA GLU A 88 -9.63 -9.26 22.87
C GLU A 88 -8.56 -8.16 22.80
N PRO A 89 -7.44 -8.33 23.51
CA PRO A 89 -6.36 -7.35 23.53
C PRO A 89 -5.58 -7.15 22.23
N THR A 91 -2.31 -7.03 20.36
CA THR A 91 -1.01 -7.63 20.59
C THR A 91 -0.13 -7.49 19.36
N ALA A 92 1.17 -7.76 19.54
CA ALA A 92 2.12 -7.68 18.44
C ALA A 92 1.80 -8.72 17.39
N GLU A 93 1.17 -9.82 17.80
CA GLU A 93 0.83 -10.91 16.90
C GLU A 93 -0.53 -10.72 16.22
N THR A 94 -1.21 -9.61 16.52
CA THR A 94 -2.50 -9.34 15.93
C THR A 94 -2.38 -9.23 14.41
N ILE A 95 -3.32 -9.81 13.69
CA ILE A 95 -3.30 -9.83 12.23
C ILE A 95 -4.22 -8.75 11.65
N PHE A 96 -3.66 -7.94 10.75
CA PHE A 96 -4.43 -6.86 10.12
C PHE A 96 -4.61 -7.03 8.63
N ARG A 97 -5.73 -6.53 8.13
CA ARG A 97 -5.97 -6.52 6.70
C ARG A 97 -5.13 -5.29 6.36
N ILE A 98 -4.09 -5.43 5.55
CA ILE A 98 -3.25 -4.27 5.24
C ILE A 98 -3.61 -3.54 3.94
N TYR A 99 -4.62 -4.04 3.25
CA TYR A 99 -5.07 -3.44 2.00
C TYR A 99 -3.94 -2.93 1.09
N SER A 100 -3.93 -1.63 0.81
CA SER A 100 -2.92 -1.08 -0.09
C SER A 100 -1.46 -1.32 0.25
N SER A 102 -0.31 -3.90 0.44
CA SER A 102 -0.06 -5.11 -0.33
C SER A 102 0.72 -4.70 -1.58
N LYS A 103 0.50 -3.46 -2.04
CA LYS A 103 1.14 -2.97 -3.26
C LYS A 103 2.65 -3.01 -3.30
N PRO A 104 3.34 -2.52 -2.26
CA PRO A 104 4.80 -2.55 -2.30
C PRO A 104 5.32 -3.99 -2.43
N ILE A 105 4.64 -4.92 -1.76
CA ILE A 105 5.04 -6.33 -1.81
C ILE A 105 4.84 -6.88 -3.21
N THR A 106 3.69 -6.59 -3.81
CA THR A 106 3.40 -7.05 -5.17
C THR A 106 4.44 -6.47 -6.13
N THR A 107 4.78 -5.21 -5.95
CA THR A 107 5.74 -4.54 -6.82
C THR A 107 7.14 -5.13 -6.68
N VAL A 108 7.53 -5.46 -5.45
CA VAL A 108 8.84 -6.06 -5.22
C VAL A 108 8.89 -7.41 -5.94
N ALA A 109 7.79 -8.15 -5.87
CA ALA A 109 7.71 -9.46 -6.52
C ALA A 109 7.91 -9.32 -8.03
N ALA A 110 7.29 -8.30 -8.61
CA ALA A 110 7.42 -8.06 -10.05
C ALA A 110 8.84 -7.65 -10.40
N LEU A 113 11.33 -10.42 -10.96
CA LEU A 113 11.24 -11.00 -12.31
C LEU A 113 11.99 -10.08 -13.28
N VAL A 114 11.92 -8.77 -13.02
CA VAL A 114 12.62 -7.80 -13.87
C VAL A 114 14.13 -8.02 -13.78
N GLU A 115 14.63 -8.25 -12.57
CA GLU A 115 16.06 -8.48 -12.37
C GLU A 115 16.52 -9.77 -13.05
N GLU A 116 15.60 -10.69 -13.28
CA GLU A 116 15.95 -11.96 -13.93
C GLU A 116 15.74 -11.91 -15.44
N GLY A 117 15.31 -10.75 -15.93
CA GLY A 117 15.08 -10.59 -17.36
C GLY A 117 13.84 -11.30 -17.86
N LYS A 118 12.87 -11.50 -16.98
CA LYS A 118 11.64 -12.17 -17.37
C LYS A 118 10.47 -11.20 -17.50
N LEU A 119 10.72 -9.93 -17.22
CA LEU A 119 9.71 -8.88 -17.31
C LEU A 119 10.42 -7.56 -17.54
N GLN A 120 9.81 -6.65 -18.31
CA GLN A 120 10.39 -5.35 -18.61
C GLN A 120 9.38 -4.25 -18.33
N LEU A 121 9.85 -3.09 -17.87
CA LEU A 121 8.95 -1.98 -17.57
C LEU A 121 8.29 -1.32 -18.78
N ASP A 122 8.94 -1.36 -19.93
CA ASP A 122 8.36 -0.73 -21.12
C ASP A 122 7.46 -1.66 -21.93
N GLU A 123 7.36 -2.92 -21.50
CA GLU A 123 6.51 -3.87 -22.20
C GLU A 123 5.05 -3.52 -22.00
N PRO A 124 4.21 -3.80 -23.01
CA PRO A 124 2.78 -3.50 -22.88
C PRO A 124 2.15 -4.58 -22.01
N VAL A 125 1.17 -4.18 -21.19
CA VAL A 125 0.48 -5.14 -20.35
C VAL A 125 -0.18 -6.18 -21.24
N SER A 126 -0.66 -5.75 -22.41
CA SER A 126 -1.34 -6.63 -23.36
C SER A 126 -0.52 -7.85 -23.77
N LYS A 127 0.80 -7.80 -23.57
CA LYS A 127 1.65 -8.93 -23.92
C LYS A 127 1.36 -10.12 -23.01
N TYR A 128 1.01 -9.83 -21.76
CA TYR A 128 0.72 -10.87 -20.79
C TYR A 128 -0.78 -11.09 -20.63
N ILE A 129 -1.54 -10.02 -20.81
CA ILE A 129 -2.99 -10.07 -20.70
C ILE A 129 -3.54 -9.38 -21.94
N PRO A 130 -3.70 -10.13 -23.04
CA PRO A 130 -4.20 -9.68 -24.35
C PRO A 130 -5.40 -8.75 -24.36
N SER A 131 -6.35 -8.97 -23.46
CA SER A 131 -7.55 -8.13 -23.41
C SER A 131 -7.29 -6.65 -23.19
N PHE A 132 -6.11 -6.29 -22.72
CA PHE A 132 -5.80 -4.87 -22.49
C PHE A 132 -5.29 -4.15 -23.74
N ALA A 133 -5.10 -4.90 -24.82
CA ALA A 133 -4.60 -4.30 -26.06
C ALA A 133 -5.61 -3.33 -26.65
N ASN A 134 -6.90 -3.66 -26.54
CA ASN A 134 -7.93 -2.83 -27.12
C ASN A 134 -8.83 -2.04 -26.16
N VAL A 135 -8.32 -1.70 -24.97
CA VAL A 135 -9.10 -0.91 -24.04
C VAL A 135 -9.29 0.49 -24.62
N LYS A 136 -10.35 1.17 -24.21
CA LYS A 136 -10.66 2.51 -24.68
C LYS A 136 -10.55 3.52 -23.54
N VAL A 137 -10.41 4.79 -23.88
CA VAL A 137 -10.31 5.86 -22.90
C VAL A 137 -11.60 6.66 -22.89
N GLY A 138 -12.21 6.75 -21.71
CA GLY A 138 -13.45 7.50 -21.58
C GLY A 138 -13.21 8.96 -21.29
N VAL A 139 -13.94 9.84 -21.96
CA VAL A 139 -13.82 11.27 -21.77
C VAL A 139 -15.21 11.85 -21.54
N GLU A 140 -15.36 12.65 -20.48
CA GLU A 140 -16.65 13.23 -20.16
C GLU A 140 -17.00 14.40 -21.09
N THR A 141 -18.23 14.38 -21.60
CA THR A 141 -18.70 15.42 -22.50
C THR A 141 -20.21 15.60 -22.36
N LYS A 142 -20.69 16.79 -22.70
CA LYS A 142 -22.12 17.09 -22.58
C LYS A 142 -22.94 16.40 -23.67
N GLY A 143 -24.06 15.81 -23.27
CA GLY A 143 -24.95 15.13 -24.20
C GLY A 143 -26.32 15.77 -24.11
N GLU A 144 -27.33 15.12 -24.69
CA GLU A 144 -28.69 15.67 -24.66
C GLU A 144 -29.21 15.76 -23.23
N ASN A 145 -28.93 14.75 -22.42
CA ASN A 145 -29.39 14.74 -21.04
C ASN A 145 -28.24 14.63 -20.05
N GLY A 146 -27.49 15.73 -19.89
CA GLY A 146 -26.39 15.73 -18.96
C GLY A 146 -25.08 15.19 -19.51
N ALA A 148 -22.03 12.72 -20.36
CA ALA A 148 -21.99 11.35 -20.83
C ALA A 148 -20.55 11.04 -21.23
N LEU A 149 -20.28 9.79 -21.55
CA LEU A 149 -18.93 9.40 -21.94
C LEU A 149 -18.73 9.19 -23.42
N GLU A 150 -17.62 9.72 -23.93
CA GLU A 150 -17.26 9.52 -25.32
C GLU A 150 -16.04 8.63 -25.15
N THR A 151 -15.88 7.63 -26.01
CA THR A 151 -14.73 6.75 -25.89
C THR A 151 -13.88 6.74 -27.14
N GLY A 152 -12.57 6.65 -26.92
CA GLY A 152 -11.64 6.64 -28.04
C GLY A 152 -10.50 5.68 -27.78
N PRO A 153 -9.60 5.51 -28.76
CA PRO A 153 -8.46 4.60 -28.62
C PRO A 153 -7.37 5.17 -27.73
N VAL A 154 -6.50 4.29 -27.24
CA VAL A 154 -5.39 4.75 -26.42
C VAL A 154 -4.35 5.23 -27.43
N LYS A 155 -3.57 6.24 -27.06
CA LYS A 155 -2.55 6.74 -27.98
C LYS A 155 -1.29 5.92 -27.79
N ARG A 156 -1.21 5.27 -26.63
CA ARG A 156 -0.07 4.43 -26.27
C ARG A 156 -0.59 3.24 -25.47
N ALA A 157 0.07 2.10 -25.61
CA ALA A 157 -0.35 0.92 -24.87
C ALA A 157 0.05 1.08 -23.41
N ILE A 158 -0.74 0.51 -22.50
CA ILE A 158 -0.43 0.57 -21.07
C ILE A 158 0.84 -0.27 -20.87
N THR A 159 1.83 0.28 -20.17
CA THR A 159 3.07 -0.46 -19.94
C THR A 159 3.14 -1.01 -18.51
N ILE A 160 4.12 -1.88 -18.27
CA ILE A 160 4.32 -2.47 -16.94
C ILE A 160 4.65 -1.34 -15.96
N GLN A 161 5.48 -0.40 -16.40
CA GLN A 161 5.84 0.74 -15.56
C GLN A 161 4.60 1.55 -15.21
N ASP A 162 3.69 1.73 -16.18
CA ASP A 162 2.45 2.47 -15.94
C ASP A 162 1.69 1.84 -14.77
N LEU A 163 1.64 0.52 -14.73
CA LEU A 163 0.94 -0.17 -13.66
C LEU A 163 1.59 0.13 -12.30
N ARG A 165 3.40 2.64 -11.26
CA ARG A 165 3.32 4.01 -10.75
C ARG A 165 1.93 4.63 -10.88
N HIS A 166 0.96 3.82 -11.26
CA HIS A 166 -0.43 4.28 -11.42
C HIS A 166 -0.65 5.36 -12.50
N THR A 167 -0.07 5.13 -13.68
CA THR A 167 -0.26 6.04 -14.81
C THR A 167 -0.73 5.18 -15.98
N SER A 168 -1.71 4.33 -15.71
CA SER A 168 -2.24 3.40 -16.72
C SER A 168 -3.64 3.73 -17.19
N GLY A 169 -4.35 4.57 -16.45
CA GLY A 169 -5.72 4.88 -16.82
C GLY A 169 -6.68 4.01 -16.03
N ILE A 170 -6.16 2.99 -15.36
CA ILE A 170 -6.96 2.09 -14.54
C ILE A 170 -7.17 2.81 -13.21
N THR A 171 -8.42 2.88 -12.75
CA THR A 171 -8.75 3.61 -11.54
C THR A 171 -9.45 2.75 -10.47
N TYR A 172 -10.05 3.45 -9.50
CA TYR A 172 -10.82 2.82 -8.42
C TYR A 172 -12.21 3.43 -8.52
N GLY A 173 -13.24 2.59 -8.51
CA GLY A 173 -14.58 3.10 -8.62
C GLY A 173 -15.03 3.96 -7.45
N PHE A 174 -14.58 3.63 -6.24
CA PHE A 174 -15.01 4.37 -5.06
C PHE A 174 -14.14 5.53 -4.60
N VAL A 175 -13.06 5.81 -5.32
CA VAL A 175 -12.20 6.94 -4.97
C VAL A 175 -12.68 8.15 -5.77
N GLY A 176 -13.03 9.23 -5.08
CA GLY A 176 -13.50 10.42 -5.77
C GLY A 176 -14.78 10.15 -6.54
N ASP A 177 -14.95 10.84 -7.66
CA ASP A 177 -16.15 10.66 -8.49
C ASP A 177 -15.84 10.88 -9.96
N GLY A 178 -16.79 10.51 -10.82
CA GLY A 178 -16.60 10.67 -12.25
C GLY A 178 -17.41 9.61 -13.00
N LEU A 179 -17.67 9.85 -14.28
CA LEU A 179 -18.46 8.91 -15.07
C LEU A 179 -17.80 7.54 -15.24
N VAL A 180 -16.50 7.51 -15.51
CA VAL A 180 -15.82 6.23 -15.66
C VAL A 180 -15.88 5.48 -14.32
N LYS A 181 -15.66 6.21 -13.23
CA LYS A 181 -15.71 5.60 -11.90
C LYS A 181 -17.10 5.05 -11.62
N LYS A 182 -18.14 5.75 -12.06
CA LYS A 182 -19.51 5.28 -11.87
C LYS A 182 -19.71 3.99 -12.66
N ALA A 183 -19.06 3.89 -13.81
CA ALA A 183 -19.15 2.69 -14.64
C ALA A 183 -18.49 1.52 -13.95
N TYR A 184 -17.40 1.80 -13.22
CA TYR A 184 -16.70 0.76 -12.47
C TYR A 184 -17.67 0.18 -11.46
N ILE A 185 -18.32 1.07 -10.72
CA ILE A 185 -19.28 0.69 -9.68
C ILE A 185 -20.45 -0.11 -10.26
N ALA A 186 -20.98 0.37 -11.37
CA ALA A 186 -22.11 -0.30 -12.01
C ALA A 186 -21.78 -1.70 -12.53
N SER A 187 -20.50 -1.95 -12.80
CA SER A 187 -20.10 -3.25 -13.32
C SER A 187 -19.99 -4.35 -12.25
N ASN A 188 -20.18 -3.99 -10.99
CA ASN A 188 -20.10 -4.95 -9.89
C ASN A 188 -18.88 -5.86 -10.01
N LEU A 189 -17.71 -5.23 -9.97
CA LEU A 189 -16.43 -5.91 -10.09
C LEU A 189 -16.10 -6.96 -9.04
N PHE A 190 -16.76 -6.88 -7.89
CA PHE A 190 -16.44 -7.80 -6.80
C PHE A 190 -17.45 -8.90 -6.49
N ASP A 191 -18.36 -9.17 -7.41
CA ASP A 191 -19.35 -10.22 -7.21
C ASP A 191 -18.78 -11.61 -7.49
N GLY A 192 -19.25 -12.59 -6.72
CA GLY A 192 -18.79 -13.96 -6.91
C GLY A 192 -17.45 -14.30 -6.31
N ASP A 193 -16.98 -15.50 -6.64
CA ASP A 193 -15.71 -16.02 -6.18
C ASP A 193 -14.84 -16.23 -7.42
N PHE A 194 -14.03 -15.22 -7.71
CA PHE A 194 -13.17 -15.21 -8.90
C PHE A 194 -11.69 -15.09 -8.57
N ASP A 195 -10.83 -15.41 -9.53
CA ASP A 195 -9.39 -15.31 -9.30
C ASP A 195 -8.79 -14.07 -10.00
N ASN A 196 -7.49 -13.89 -9.87
CA ASN A 196 -6.81 -12.74 -10.47
C ASN A 196 -6.96 -12.67 -11.99
N ALA A 197 -6.99 -13.82 -12.65
CA ALA A 197 -7.13 -13.84 -14.10
C ALA A 197 -8.50 -13.28 -14.47
N GLU A 198 -9.54 -13.73 -13.79
CA GLU A 198 -10.89 -13.25 -14.05
C GLU A 198 -11.07 -11.78 -13.73
N PHE A 199 -10.48 -11.31 -12.63
CA PHE A 199 -10.59 -9.91 -12.26
C PHE A 199 -9.98 -9.03 -13.34
N ALA A 200 -8.85 -9.45 -13.88
CA ALA A 200 -8.17 -8.68 -14.92
C ALA A 200 -9.07 -8.53 -16.13
N GLU A 201 -9.82 -9.58 -16.47
CA GLU A 201 -10.73 -9.52 -17.61
C GLU A 201 -11.87 -8.56 -17.31
N ARG A 202 -12.32 -8.51 -16.06
CA ARG A 202 -13.40 -7.60 -15.70
C ARG A 202 -12.94 -6.15 -15.83
N ILE A 203 -11.71 -5.88 -15.43
CA ILE A 203 -11.16 -4.54 -15.52
C ILE A 203 -10.97 -4.13 -16.99
N ALA A 204 -10.46 -5.07 -17.79
CA ALA A 204 -10.21 -4.80 -19.20
C ALA A 204 -11.45 -4.40 -20.00
N LYS A 205 -12.64 -4.74 -19.51
CA LYS A 205 -13.87 -4.39 -20.20
C LYS A 205 -14.30 -2.94 -19.96
N LEU A 206 -13.72 -2.31 -18.95
CA LEU A 206 -14.07 -0.95 -18.60
C LEU A 206 -13.23 0.09 -19.33
N PRO A 207 -13.77 1.31 -19.48
CA PRO A 207 -13.00 2.35 -20.16
C PRO A 207 -11.97 2.91 -19.16
N LEU A 208 -10.87 3.44 -19.68
CA LEU A 208 -9.84 4.03 -18.82
C LEU A 208 -10.27 5.45 -18.48
N VAL A 209 -9.75 6.00 -17.38
CA VAL A 209 -10.12 7.36 -17.00
C VAL A 209 -9.20 8.38 -17.65
N TYR A 210 -7.98 7.97 -18.00
CA TYR A 210 -7.01 8.85 -18.64
C TYR A 210 -6.22 8.07 -19.68
N GLN A 211 -5.59 8.79 -20.60
CA GLN A 211 -4.76 8.16 -21.61
C GLN A 211 -3.59 7.49 -20.88
N PRO A 212 -3.22 6.26 -21.27
CA PRO A 212 -2.11 5.57 -20.62
C PRO A 212 -0.82 6.39 -20.68
N GLY A 213 -0.06 6.37 -19.58
CA GLY A 213 1.20 7.08 -19.50
C GLY A 213 1.15 8.59 -19.44
N THR A 214 0.05 9.16 -18.97
CA THR A 214 -0.05 10.61 -18.92
C THR A 214 -0.44 11.20 -17.58
N THR A 215 -1.21 10.45 -16.80
CA THR A 215 -1.73 10.97 -15.54
C THR A 215 -1.70 10.01 -14.36
N TRP A 216 -1.36 10.53 -13.18
CA TRP A 216 -1.32 9.69 -11.98
C TRP A 216 -2.74 9.60 -11.43
N ASP A 217 -3.21 8.36 -11.28
CA ASP A 217 -4.55 8.14 -10.76
C ASP A 217 -4.56 6.78 -10.08
N TYR A 218 -4.91 6.77 -8.80
CA TYR A 218 -4.94 5.55 -8.01
C TYR A 218 -5.99 4.58 -8.51
N GLY A 219 -5.63 3.30 -8.57
CA GLY A 219 -6.58 2.31 -9.05
C GLY A 219 -6.15 0.86 -8.95
N HIS A 220 -6.88 0.01 -9.67
CA HIS A 220 -6.63 -1.43 -9.69
C HIS A 220 -5.40 -1.88 -10.48
N SER A 221 -4.51 -0.96 -10.82
CA SER A 221 -3.31 -1.33 -11.58
C SER A 221 -2.47 -2.43 -10.94
N THR A 222 -2.36 -2.40 -9.60
CA THR A 222 -1.54 -3.39 -8.91
C THR A 222 -2.17 -4.78 -8.90
N ASP A 223 -3.48 -4.84 -9.00
CA ASP A 223 -4.16 -6.13 -9.06
C ASP A 223 -3.85 -6.75 -10.41
N ILE A 224 -3.73 -5.89 -11.42
CA ILE A 224 -3.40 -6.34 -12.77
C ILE A 224 -1.94 -6.78 -12.77
N LEU A 225 -1.09 -6.02 -12.08
CA LEU A 225 0.32 -6.35 -12.00
C LEU A 225 0.48 -7.74 -11.35
N GLY A 226 -0.34 -8.01 -10.36
CA GLY A 226 -0.28 -9.29 -9.69
C GLY A 226 -0.54 -10.42 -10.67
N ARG A 227 -1.48 -10.21 -11.60
CA ARG A 227 -1.79 -11.22 -12.59
C ARG A 227 -0.61 -11.38 -13.55
N VAL A 228 0.06 -10.27 -13.88
CA VAL A 228 1.21 -10.33 -14.75
C VAL A 228 2.25 -11.24 -14.11
N VAL A 229 2.45 -11.09 -12.80
CA VAL A 229 3.40 -11.92 -12.08
C VAL A 229 3.03 -13.40 -12.22
N GLU A 230 1.74 -13.71 -12.16
CA GLU A 230 1.29 -15.08 -12.30
C GLU A 230 1.55 -15.62 -13.70
N VAL A 231 1.27 -14.80 -14.72
CA VAL A 231 1.48 -15.20 -16.11
C VAL A 231 2.95 -15.50 -16.38
N VAL A 232 3.83 -14.66 -15.87
CA VAL A 232 5.26 -14.84 -16.06
C VAL A 232 5.83 -16.03 -15.29
N SER A 233 5.44 -16.15 -14.03
CA SER A 233 5.95 -17.21 -13.17
C SER A 233 5.26 -18.56 -13.29
N GLY A 234 3.99 -18.56 -13.70
CA GLY A 234 3.26 -19.80 -13.82
C GLY A 234 2.73 -20.24 -12.46
N LYS A 235 2.85 -19.36 -11.46
CA LYS A 235 2.39 -19.66 -10.11
C LYS A 235 1.35 -18.62 -9.68
N SER A 236 0.57 -18.95 -8.65
CA SER A 236 -0.42 -18.00 -8.15
C SER A 236 0.39 -16.91 -7.47
N LEU A 237 -0.18 -15.71 -7.36
CA LEU A 237 0.55 -14.61 -6.74
C LEU A 237 1.05 -15.00 -5.35
N TYR A 238 0.18 -15.60 -4.55
CA TYR A 238 0.57 -16.00 -3.20
C TYR A 238 1.73 -16.99 -3.18
N GLN A 239 1.65 -18.05 -3.98
CA GLN A 239 2.72 -19.05 -3.99
C GLN A 239 4.05 -18.45 -4.45
N PHE A 240 3.99 -17.56 -5.44
CA PHE A 240 5.21 -16.92 -5.92
C PHE A 240 5.85 -16.13 -4.78
N GLU A 241 5.05 -15.28 -4.13
CA GLU A 241 5.53 -14.45 -3.03
C GLU A 241 5.97 -15.30 -1.84
N LYS A 242 5.18 -16.33 -1.53
CA LYS A 242 5.51 -17.22 -0.41
C LYS A 242 6.91 -17.79 -0.57
N GLU A 243 7.19 -18.31 -1.76
CA GLU A 243 8.48 -18.91 -2.06
C GLU A 243 9.67 -17.93 -2.13
N ARG A 244 9.49 -16.84 -2.88
CA ARG A 244 10.55 -15.86 -3.06
C ARG A 244 10.73 -14.81 -1.97
N LEU A 245 9.66 -14.51 -1.24
CA LEU A 245 9.75 -13.44 -0.25
C LEU A 245 9.28 -13.74 1.18
N LEU A 246 8.01 -14.12 1.32
CA LEU A 246 7.43 -14.37 2.63
C LEU A 246 8.14 -15.40 3.49
N ASP A 247 8.33 -16.61 3.00
CA ASP A 247 9.00 -17.63 3.80
C ASP A 247 10.45 -17.27 4.12
N PRO A 248 11.27 -16.97 3.11
CA PRO A 248 12.66 -16.64 3.42
C PRO A 248 12.85 -15.42 4.33
N LEU A 249 11.92 -14.47 4.25
CA LEU A 249 11.99 -13.27 5.07
C LEU A 249 11.47 -13.51 6.49
N GLY A 250 10.79 -14.64 6.69
CA GLY A 250 10.25 -14.94 8.01
C GLY A 250 8.91 -14.29 8.27
N LYS A 252 5.90 -15.19 8.41
CA LYS A 252 5.02 -16.34 8.54
C LYS A 252 3.53 -16.07 8.70
N ASP A 253 3.16 -14.84 9.03
CA ASP A 253 1.74 -14.52 9.18
C ASP A 253 1.25 -13.57 8.11
N THR A 254 1.93 -13.58 6.96
CA THR A 254 1.56 -12.72 5.84
C THR A 254 1.03 -13.54 4.67
N GLY A 255 -0.12 -13.13 4.15
CA GLY A 255 -0.72 -13.84 3.03
C GLY A 255 -1.99 -13.13 2.61
N PHE A 256 -2.95 -13.90 2.08
CA PHE A 256 -4.22 -13.31 1.64
C PHE A 256 -5.42 -13.75 2.49
N TYR A 257 -5.28 -14.87 3.18
CA TYR A 257 -6.36 -15.39 4.04
C TYR A 257 -5.78 -16.02 5.30
N VAL A 258 -6.54 -15.96 6.39
CA VAL A 258 -6.10 -16.56 7.63
C VAL A 258 -6.81 -17.91 7.72
N THR A 259 -6.13 -18.96 7.28
CA THR A 259 -6.69 -20.30 7.27
C THR A 259 -6.36 -21.12 8.51
N ASP A 260 -5.34 -20.71 9.26
CA ASP A 260 -4.97 -21.43 10.47
C ASP A 260 -6.04 -21.16 11.52
N PRO A 261 -6.78 -22.19 11.95
CA PRO A 261 -7.85 -22.00 12.95
C PRO A 261 -7.38 -21.28 14.20
N ALA A 262 -6.11 -21.46 14.56
CA ALA A 262 -5.56 -20.82 15.76
C ALA A 262 -5.28 -19.33 15.58
N LYS A 263 -5.27 -18.86 14.33
CA LYS A 263 -4.98 -17.45 14.07
C LYS A 263 -6.20 -16.61 13.73
N LYS A 264 -7.34 -17.25 13.49
CA LYS A 264 -8.55 -16.51 13.12
C LYS A 264 -9.03 -15.46 14.12
N SER A 265 -8.86 -15.72 15.42
CA SER A 265 -9.30 -14.78 16.43
C SER A 265 -8.35 -13.59 16.57
N LEU A 266 -7.21 -13.64 15.88
CA LEU A 266 -6.22 -12.57 15.94
C LEU A 266 -6.47 -11.42 14.95
N VAL A 267 -7.47 -11.58 14.08
CA VAL A 267 -7.77 -10.54 13.09
C VAL A 267 -8.35 -9.28 13.73
N ALA A 268 -7.71 -8.15 13.49
CA ALA A 268 -8.16 -6.87 14.04
C ALA A 268 -9.44 -6.39 13.37
N GLU A 269 -10.33 -5.79 14.16
CA GLU A 269 -11.61 -5.29 13.66
C GLU A 269 -11.81 -3.86 14.13
N ALA A 270 -12.31 -3.01 13.23
CA ALA A 270 -12.53 -1.60 13.54
C ALA A 270 -13.79 -1.39 14.37
N PRO A 272 -17.49 -0.51 15.34
CA PRO A 272 -18.72 -0.84 14.61
C PRO A 272 -19.17 0.16 13.54
N ASN A 273 -19.03 1.44 13.82
CA ASN A 273 -19.44 2.48 12.88
C ASN A 273 -18.37 2.87 11.87
N ASP A 274 -17.29 2.08 11.76
CA ASP A 274 -16.21 2.41 10.85
C ASP A 274 -15.58 1.16 10.22
N ARG A 275 -16.43 0.26 9.74
CA ARG A 275 -15.99 -0.99 9.12
C ARG A 275 -16.29 -1.04 7.63
N LYS A 276 -16.68 0.09 7.05
CA LYS A 276 -17.00 0.14 5.63
C LYS A 276 -15.85 0.70 4.79
N ILE A 277 -15.55 0.01 3.70
CA ILE A 277 -14.50 0.43 2.77
C ILE A 277 -15.08 0.27 1.37
N GLY A 278 -15.11 1.36 0.61
CA GLY A 278 -15.67 1.28 -0.73
C GLY A 278 -17.15 0.97 -0.69
N GLY A 279 -17.84 1.49 0.33
CA GLY A 279 -19.27 1.28 0.45
C GLY A 279 -19.68 -0.10 0.92
N SER A 280 -18.71 -0.96 1.23
CA SER A 280 -19.01 -2.30 1.69
C SER A 280 -18.22 -2.69 2.93
N GLU A 281 -18.74 -3.67 3.66
CA GLU A 281 -18.09 -4.17 4.87
C GLU A 281 -16.75 -4.80 4.49
N PHE A 283 -13.79 -7.31 3.94
CA PHE A 283 -13.89 -8.73 3.65
C PHE A 283 -13.43 -9.52 4.87
N ASP A 284 -13.88 -10.77 4.95
CA ASP A 284 -13.53 -11.66 6.06
C ASP A 284 -12.37 -12.53 5.59
N PRO A 285 -11.14 -12.23 6.05
CA PRO A 285 -9.96 -13.00 5.66
C PRO A 285 -9.92 -14.40 6.25
N ARG A 286 -10.85 -14.70 7.15
CA ARG A 286 -10.91 -16.01 7.80
C ARG A 286 -11.52 -17.06 6.89
N VAL A 287 -12.17 -16.60 5.81
CA VAL A 287 -12.80 -17.51 4.86
C VAL A 287 -12.06 -17.44 3.53
N GLN A 288 -11.35 -18.51 3.20
CA GLN A 288 -10.58 -18.55 1.97
C GLN A 288 -11.42 -18.47 0.70
N LYS A 289 -10.94 -17.68 -0.25
CA LYS A 289 -11.59 -17.52 -1.54
C LYS A 289 -10.49 -17.52 -2.60
N LYS A 290 -10.88 -17.59 -3.86
CA LYS A 290 -9.91 -17.64 -4.96
C LYS A 290 -9.09 -16.38 -5.22
N TRP A 291 -9.67 -15.22 -4.94
CA TRP A 291 -9.03 -13.93 -5.19
C TRP A 291 -7.83 -13.60 -4.29
N GLU A 292 -6.72 -13.21 -4.93
CA GLU A 292 -5.50 -12.83 -4.23
C GLU A 292 -5.02 -11.53 -4.90
N PRO A 293 -5.79 -10.44 -4.74
CA PRO A 293 -5.46 -9.14 -5.33
C PRO A 293 -4.22 -8.48 -4.77
N GLY A 294 -3.21 -8.31 -5.62
CA GLY A 294 -1.96 -7.71 -5.22
C GLY A 294 -2.06 -6.25 -4.78
N GLY A 295 -3.21 -5.65 -4.99
CA GLY A 295 -3.36 -4.26 -4.59
C GLY A 295 -4.16 -4.03 -3.31
N GLN A 296 -4.69 -5.10 -2.71
CA GLN A 296 -5.52 -4.91 -1.52
C GLN A 296 -5.87 -6.11 -0.64
N GLY A 297 -5.57 -7.33 -1.08
CA GLY A 297 -6.01 -8.48 -0.30
C GLY A 297 -5.17 -9.11 0.80
N VAL A 299 -3.01 -9.84 4.38
CA VAL A 299 -3.13 -9.75 5.83
C VAL A 299 -1.70 -9.92 6.29
N SER A 300 -1.34 -9.27 7.39
CA SER A 300 0.02 -9.35 7.90
C SER A 300 0.04 -8.90 9.36
N THR A 301 1.23 -8.86 9.93
CA THR A 301 1.41 -8.43 11.31
C THR A 301 2.47 -7.34 11.29
N ILE A 302 2.54 -6.55 12.35
CA ILE A 302 3.52 -5.46 12.38
C ILE A 302 4.94 -6.02 12.28
N GLY A 303 5.19 -7.14 12.94
CA GLY A 303 6.51 -7.75 12.89
C GLY A 303 6.88 -8.20 11.49
N ASP A 304 5.94 -8.83 10.80
CA ASP A 304 6.17 -9.30 9.45
C ASP A 304 6.50 -8.12 8.53
N TYR A 305 5.65 -7.10 8.55
CA TYR A 305 5.86 -5.95 7.68
C TYR A 305 7.13 -5.18 8.01
N ALA A 306 7.50 -5.14 9.29
CA ALA A 306 8.72 -4.43 9.69
C ALA A 306 9.95 -5.10 9.07
N ARG A 307 9.89 -6.41 8.88
CA ARG A 307 11.01 -7.13 8.27
C ARG A 307 11.08 -6.75 6.80
N PHE A 308 9.91 -6.60 6.18
CA PHE A 308 9.83 -6.21 4.77
C PHE A 308 10.43 -4.81 4.59
N THR A 309 10.02 -3.86 5.42
CA THR A 309 10.54 -2.50 5.30
C THR A 309 12.02 -2.38 5.68
N GLN A 310 12.47 -3.21 6.62
CA GLN A 310 13.88 -3.18 7.01
C GLN A 310 14.69 -3.65 5.80
N VAL A 312 13.93 -3.32 2.72
CA VAL A 312 13.96 -2.22 1.75
C VAL A 312 14.97 -1.13 2.19
N LEU A 313 14.93 -0.76 3.46
CA LEU A 313 15.87 0.26 3.97
C LEU A 313 17.31 -0.22 3.79
N ASN A 314 17.52 -1.52 4.00
CA ASN A 314 18.85 -2.12 3.86
C ASN A 314 19.34 -2.19 2.41
N GLY A 315 18.48 -1.79 1.47
CA GLY A 315 18.90 -1.84 0.08
C GLY A 315 18.66 -3.18 -0.59
N GLY A 316 17.69 -3.95 -0.09
CA GLY A 316 17.37 -5.22 -0.69
C GLY A 316 17.86 -6.49 -0.02
N THR A 317 18.41 -6.38 1.18
CA THR A 317 18.92 -7.56 1.89
C THR A 317 18.51 -7.57 3.35
N LEU A 318 18.49 -8.77 3.94
CA LEU A 318 18.15 -8.91 5.35
C LEU A 318 18.67 -10.25 5.86
N ASP A 319 19.35 -10.22 7.00
CA ASP A 319 19.91 -11.41 7.61
C ASP A 319 20.73 -12.26 6.66
N GLY A 320 21.60 -11.62 5.88
CA GLY A 320 22.45 -12.33 4.95
C GLY A 320 21.82 -12.83 3.65
N LYS A 321 20.54 -12.55 3.45
CA LYS A 321 19.86 -12.98 2.24
C LYS A 321 19.44 -11.77 1.40
N ARG A 322 19.82 -11.76 0.12
CA ARG A 322 19.46 -10.63 -0.75
C ARG A 322 18.25 -10.98 -1.63
N TYR A 323 17.30 -10.05 -1.66
CA TYR A 323 16.08 -10.22 -2.43
C TYR A 323 16.06 -9.37 -3.70
N LEU A 324 16.63 -8.18 -3.61
CA LEU A 324 16.74 -7.27 -4.75
C LEU A 324 18.07 -6.55 -4.59
N SER A 325 18.63 -6.07 -5.70
CA SER A 325 19.88 -5.35 -5.62
C SER A 325 19.61 -3.96 -5.08
N PRO A 326 20.63 -3.31 -4.48
CA PRO A 326 20.44 -1.96 -3.93
C PRO A 326 20.15 -0.94 -5.02
N LYS A 327 20.55 -1.25 -6.25
CA LYS A 327 20.29 -0.35 -7.37
C LYS A 327 18.79 -0.42 -7.67
N THR A 328 18.27 -1.64 -7.66
CA THR A 328 16.84 -1.86 -7.93
C THR A 328 15.99 -1.14 -6.89
N ILE A 329 16.38 -1.24 -5.62
CA ILE A 329 15.65 -0.58 -4.55
C ILE A 329 15.70 0.94 -4.73
N ALA A 330 16.87 1.46 -5.07
CA ALA A 330 17.03 2.90 -5.27
C ALA A 330 16.15 3.34 -6.43
N TYR A 331 16.05 2.50 -7.45
CA TYR A 331 15.25 2.77 -8.64
C TYR A 331 13.75 2.80 -8.28
N GLY A 333 12.62 3.49 -5.42
CA GLY A 333 12.47 4.64 -4.52
C GLY A 333 12.66 5.99 -5.15
N SER A 334 12.89 6.02 -6.47
CA SER A 334 13.06 7.28 -7.19
C SER A 334 11.70 7.78 -7.64
N ASN A 335 11.59 9.07 -7.92
CA ASN A 335 10.35 9.63 -8.40
C ASN A 335 10.22 9.25 -9.87
N HIS A 336 9.12 8.58 -10.22
CA HIS A 336 8.90 8.17 -11.60
C HIS A 336 7.87 9.07 -12.29
N ILE A 337 7.39 10.08 -11.59
CA ILE A 337 6.45 11.02 -12.19
C ILE A 337 6.82 12.50 -12.04
N PRO A 338 8.11 12.83 -12.22
CA PRO A 338 8.51 14.24 -12.10
C PRO A 338 8.21 14.93 -13.43
N GLN A 339 8.77 16.12 -13.64
CA GLN A 339 8.55 16.85 -14.90
C GLN A 339 9.13 16.11 -16.11
N ALA A 340 10.34 15.59 -15.98
CA ALA A 340 11.00 14.87 -17.07
C ALA A 340 10.17 13.70 -17.60
N SER A 341 9.07 13.41 -16.92
CA SER A 341 8.22 12.31 -17.33
C SER A 341 7.03 12.81 -18.15
N GLY A 342 6.73 14.10 -18.02
CA GLY A 342 5.60 14.67 -18.73
C GLY A 342 4.29 14.30 -18.06
N ILE A 343 4.37 13.42 -17.06
CA ILE A 343 3.20 12.96 -16.32
C ILE A 343 2.64 14.10 -15.47
N VAL A 344 1.31 14.17 -15.37
CA VAL A 344 0.68 15.20 -14.55
C VAL A 344 -0.21 14.55 -13.50
N PRO A 345 -0.48 15.26 -12.39
CA PRO A 345 -1.34 14.71 -11.34
C PRO A 345 -2.79 14.65 -11.86
N GLY A 346 -3.50 13.58 -11.51
CA GLY A 346 -4.88 13.45 -11.95
C GLY A 346 -5.78 14.26 -11.02
N ALA A 347 -7.09 14.07 -11.13
CA ALA A 347 -8.04 14.82 -10.31
C ALA A 347 -7.97 14.46 -8.82
N TYR A 348 -7.41 13.30 -8.51
CA TYR A 348 -7.30 12.87 -7.12
C TYR A 348 -5.88 12.42 -6.83
N TYR A 349 -4.96 13.39 -6.79
CA TYR A 349 -3.57 13.08 -6.53
C TYR A 349 -3.36 12.88 -5.03
N LEU A 350 -3.56 11.64 -4.58
CA LEU A 350 -3.44 11.29 -3.18
C LEU A 350 -2.15 11.65 -2.45
N PRO A 351 -0.98 11.52 -3.11
CA PRO A 351 0.26 11.88 -2.41
C PRO A 351 0.31 13.33 -1.95
N GLY A 352 -0.35 14.20 -2.71
CA GLY A 352 -0.38 15.61 -2.35
C GLY A 352 0.85 16.40 -2.75
N PRO A 353 0.84 17.73 -2.48
CA PRO A 353 1.94 18.62 -2.81
C PRO A 353 3.27 18.20 -2.17
N GLY A 354 4.36 18.37 -2.92
CA GLY A 354 5.67 18.03 -2.41
C GLY A 354 5.99 16.55 -2.35
N VAL A 355 5.11 15.71 -2.89
CA VAL A 355 5.34 14.28 -2.87
C VAL A 355 5.14 13.67 -4.25
N GLY A 356 6.12 12.88 -4.68
CA GLY A 356 6.04 12.21 -5.97
C GLY A 356 5.67 10.75 -5.79
N PHE A 357 5.91 9.94 -6.81
CA PHE A 357 5.58 8.52 -6.71
C PHE A 357 6.54 7.70 -7.55
N GLY A 358 7.04 6.61 -6.96
CA GLY A 358 7.96 5.75 -7.66
C GLY A 358 7.30 4.45 -8.03
N LEU A 359 7.99 3.35 -7.83
CA LEU A 359 7.43 2.04 -8.14
C LEU A 359 6.86 1.43 -6.88
N GLY A 360 5.62 1.80 -6.56
CA GLY A 360 4.95 1.28 -5.39
C GLY A 360 5.11 2.08 -4.12
N PHE A 361 5.82 3.22 -4.20
CA PHE A 361 6.03 4.07 -3.03
C PHE A 361 5.78 5.55 -3.31
N ALA A 362 5.20 6.25 -2.34
CA ALA A 362 5.02 7.69 -2.48
C ALA A 362 6.43 8.15 -2.07
N VAL A 363 7.00 9.11 -2.81
CA VAL A 363 8.34 9.60 -2.51
C VAL A 363 8.33 11.10 -2.29
N ARG A 364 8.71 11.54 -1.09
CA ARG A 364 8.73 12.96 -0.77
C ARG A 364 9.81 13.65 -1.61
N THR A 365 9.46 14.77 -2.24
CA THR A 365 10.44 15.48 -3.06
C THR A 365 10.81 16.85 -2.51
N GLU A 366 9.98 17.39 -1.62
CA GLU A 366 10.23 18.70 -1.02
C GLU A 366 10.45 18.59 0.49
N ALA A 367 11.35 19.43 1.02
CA ALA A 367 11.61 19.42 2.46
C ALA A 367 10.39 20.00 3.16
N GLY A 368 9.88 21.10 2.63
CA GLY A 368 8.69 21.74 3.18
C GLY A 368 7.52 21.43 2.26
N VAL A 369 6.56 22.35 2.18
CA VAL A 369 5.38 22.20 1.32
C VAL A 369 4.43 21.11 1.81
N THR A 370 4.87 19.85 1.82
CA THR A 370 4.02 18.77 2.32
C THR A 370 3.69 19.19 3.75
N PRO A 371 2.40 19.15 4.14
CA PRO A 371 1.93 19.54 5.47
C PRO A 371 2.22 18.60 6.64
N VAL A 372 3.18 17.71 6.47
CA VAL A 372 3.57 16.78 7.53
C VAL A 372 5.09 16.68 7.51
N GLU A 373 5.68 16.43 8.68
CA GLU A 373 7.13 16.31 8.74
C GLU A 373 7.60 15.06 8.01
N GLY A 374 8.87 15.07 7.63
CA GLY A 374 9.44 13.94 6.90
C GLY A 374 10.75 14.39 6.28
N SER A 375 11.31 13.53 5.43
CA SER A 375 12.57 13.83 4.77
C SER A 375 12.45 13.63 3.26
N VAL A 376 13.13 14.47 2.50
CA VAL A 376 13.14 14.33 1.05
C VAL A 376 13.63 12.91 0.80
N GLY A 377 12.92 12.18 -0.05
CA GLY A 377 13.33 10.82 -0.34
C GLY A 377 12.66 9.76 0.52
N ASP A 378 11.88 10.13 1.54
CA ASP A 378 11.27 9.08 2.35
C ASP A 378 10.17 8.41 1.53
N LEU A 379 10.03 7.11 1.75
CA LEU A 379 9.07 6.26 1.04
C LEU A 379 7.94 5.82 1.94
N SER A 380 6.73 5.78 1.40
CA SER A 380 5.59 5.37 2.21
C SER A 380 4.32 5.09 1.43
N TRP A 381 3.35 4.55 2.15
CA TRP A 381 2.02 4.24 1.64
C TRP A 381 1.22 3.67 2.81
N GLY A 382 -0.10 3.64 2.66
CA GLY A 382 -0.95 3.12 3.72
C GLY A 382 -2.04 2.22 3.18
N GLY A 383 -2.89 1.72 4.07
CA GLY A 383 -3.98 0.86 3.67
C GLY A 383 -5.29 1.40 4.18
N ALA A 384 -6.36 1.20 3.42
CA ALA A 384 -7.68 1.70 3.78
C ALA A 384 -8.18 1.16 5.13
N GLY A 385 -7.55 0.10 5.61
CA GLY A 385 -7.93 -0.49 6.89
C GLY A 385 -7.22 0.09 8.10
N GLY A 386 -6.47 1.18 7.91
CA GLY A 386 -5.80 1.81 9.03
C GLY A 386 -4.30 1.63 9.20
N THR A 387 -3.68 0.81 8.38
CA THR A 387 -2.25 0.56 8.50
C THR A 387 -1.41 1.51 7.64
N VAL A 388 -0.20 1.82 8.12
CA VAL A 388 0.69 2.71 7.39
C VAL A 388 2.14 2.43 7.74
N PHE A 389 3.05 2.83 6.87
CA PHE A 389 4.47 2.64 7.10
C PHE A 389 5.22 3.69 6.31
N TRP A 390 6.48 3.93 6.70
CA TRP A 390 7.32 4.82 5.94
C TRP A 390 8.76 4.45 6.19
N ILE A 391 9.61 4.70 5.19
CA ILE A 391 11.02 4.38 5.24
C ILE A 391 11.74 5.68 4.93
N ASP A 392 12.64 6.08 5.81
CA ASP A 392 13.39 7.32 5.65
C ASP A 392 14.89 6.99 5.60
N PRO A 393 15.43 6.79 4.39
CA PRO A 393 16.86 6.47 4.22
C PRO A 393 17.80 7.51 4.84
N LYS A 394 17.48 8.78 4.64
CA LYS A 394 18.30 9.86 5.19
C LYS A 394 18.45 9.75 6.71
N GLU A 395 17.38 9.36 7.39
CA GLU A 395 17.42 9.26 8.83
C GLU A 395 17.59 7.82 9.34
N ASN A 396 17.89 6.90 8.43
CA ASN A 396 18.07 5.49 8.76
C ASN A 396 16.89 5.04 9.63
N LEU A 397 15.68 5.37 9.19
CA LEU A 397 14.47 5.08 9.95
C LEU A 397 13.38 4.31 9.22
N THR A 398 12.68 3.45 9.97
CA THR A 398 11.55 2.71 9.44
C THR A 398 10.48 2.78 10.52
N VAL A 399 9.24 2.98 10.11
CA VAL A 399 8.11 3.07 11.03
C VAL A 399 6.95 2.27 10.47
N VAL A 400 6.31 1.48 11.34
CA VAL A 400 5.15 0.71 10.94
C VAL A 400 4.09 0.95 12.02
N PHE A 401 2.87 1.24 11.59
CA PHE A 401 1.78 1.49 12.52
C PHE A 401 0.54 0.75 12.05
N ALA A 403 -3.62 -0.05 13.18
CA ALA A 403 -4.80 0.14 14.01
C ALA A 403 -5.99 0.01 13.07
N PRO A 404 -6.97 -0.84 13.43
CA PRO A 404 -8.15 -1.05 12.58
C PRO A 404 -9.08 0.16 12.56
N VAL A 406 -10.98 3.26 9.44
CA VAL A 406 -11.10 3.70 8.05
C VAL A 406 -11.17 5.20 7.90
N SER A 407 -12.30 5.80 8.27
CA SER A 407 -12.49 7.25 8.12
C SER A 407 -11.43 8.18 8.67
N PRO A 408 -10.94 7.94 9.90
CA PRO A 408 -9.92 8.84 10.45
C PRO A 408 -8.47 8.45 10.20
N ARG A 409 -8.23 7.45 9.37
CA ARG A 409 -6.86 6.97 9.15
C ARG A 409 -5.82 7.99 8.71
N ALA A 410 -6.13 8.80 7.70
CA ALA A 410 -5.17 9.79 7.20
C ALA A 410 -4.76 10.78 8.29
N ARG A 411 -5.74 11.26 9.05
CA ARG A 411 -5.50 12.20 10.13
C ARG A 411 -4.51 11.61 11.14
N VAL A 412 -4.75 10.37 11.52
CA VAL A 412 -3.87 9.71 12.48
C VAL A 412 -2.46 9.50 11.92
N TRP A 413 -2.37 9.02 10.68
CA TRP A 413 -1.06 8.78 10.08
C TRP A 413 -0.22 10.05 10.01
N ARG A 414 -0.84 11.15 9.57
CA ARG A 414 -0.13 12.42 9.46
C ARG A 414 0.35 12.90 10.83
N THR A 415 -0.52 12.79 11.82
CA THR A 415 -0.17 13.23 13.17
C THR A 415 1.00 12.41 13.70
N LEU A 416 0.99 11.09 13.46
CA LEU A 416 2.08 10.23 13.92
C LEU A 416 3.39 10.63 13.29
N ARG A 417 3.36 11.05 12.02
CA ARG A 417 4.59 11.48 11.36
C ARG A 417 5.15 12.67 12.15
N ASN A 418 4.29 13.63 12.46
CA ASN A 418 4.73 14.81 13.20
C ASN A 418 5.29 14.44 14.57
N ILE A 419 4.61 13.54 15.28
CA ILE A 419 5.10 13.16 16.61
C ILE A 419 6.43 12.42 16.54
N VAL A 420 6.56 11.49 15.59
CA VAL A 420 7.80 10.74 15.46
C VAL A 420 8.98 11.67 15.15
N TYR A 421 8.85 12.48 14.10
CA TYR A 421 9.92 13.40 13.76
C TYR A 421 10.08 14.45 14.85
N GLY A 422 8.98 14.77 15.53
CA GLY A 422 9.05 15.75 16.60
C GLY A 422 9.77 15.22 17.83
N ALA A 423 10.00 13.92 17.87
CA ALA A 423 10.68 13.27 19.00
C ALA A 423 12.18 13.09 18.77
N PHE A 424 12.66 13.53 17.62
CA PHE A 424 14.08 13.42 17.27
C PHE A 424 14.94 14.23 18.25
N ASP A 425 16.14 13.73 18.54
CA ASP A 425 17.05 14.46 19.41
C ASP A 425 18.26 14.84 18.57
N ARG A 426 18.33 14.26 17.36
CA ARG A 426 19.43 14.55 16.46
C ARG A 426 19.11 14.09 15.04
N LEU A 427 19.88 14.59 14.08
CA LEU A 427 19.70 14.23 12.67
C LEU A 427 20.84 13.32 12.24
N GLU A 428 20.55 12.40 11.33
CA GLU A 428 21.58 11.49 10.83
C GLU A 428 22.23 12.07 9.59
#